data_6M9C
#
_entry.id   6M9C
#
_cell.length_a   98.270
_cell.length_b   98.270
_cell.length_c   83.300
_cell.angle_alpha   90.00
_cell.angle_beta   90.00
_cell.angle_gamma   120.00
#
_symmetry.space_group_name_H-M   'P 62'
#
loop_
_entity.id
_entity.type
_entity.pdbx_description
1 polymer SEDOLISIN
2 polymer Pseudotyrostatin
3 non-polymer 'CALCIUM ION'
4 non-polymer 'SULFATE ION'
5 non-polymer 'ACETIC ACID'
6 water water
#
loop_
_entity_poly.entity_id
_entity_poly.type
_entity_poly.pdbx_seq_one_letter_code
_entity_poly.pdbx_strand_id
1 'polypeptide(L)'
;GTAKGHNPTEFPTIYDASSAPTAANTTVGIITIGGVSQTLQDLQQFTSANGLASVNTQTIQTGSSNGDYSDDQQGQGEWD
LDSQSIVGSAGGAVQQLLFYMADQSASGNTGLTQAFNQAVSDNVAKVINVSLGWCEADANADGTLQAEDRIFATAAAQGQ
TFSVSSGDEGVYECNNRGYPDGSTYSVSWPASSPNVIAVGGTTLYTTSAGAYSNETVWNEGLDSNGKLWATGGGYSVYES
KPSWQSVVSGTPGRRLLPDISFDAAQGTGALIYNYGQLQQIGGTSLASPIFVGLWARLQSANSNSLGFPAASFYSAISST
PSLVHDVKSGNNGYGGYGYNAGTGWDYPTGWGSLDIAKLSAYIRSNGF
;
A
2 'polypeptide(L)' (IVA)Y(TYE) B
#
# COMPACT_ATOMS: atom_id res chain seq x y z
N GLY A 1 24.05 -5.74 5.91
CA GLY A 1 23.02 -5.81 4.90
C GLY A 1 23.30 -4.85 3.75
CA THR A 2 22.93 -4.31 1.24
C THR A 2 21.58 -3.71 0.83
N ALA A 3 21.73 -2.47 0.32
CA ALA A 3 20.63 -1.81 -0.39
C ALA A 3 20.69 -2.16 -1.87
N LYS A 4 19.80 -2.77 -2.50
CA LYS A 4 19.69 -3.10 -3.91
C LYS A 4 18.24 -3.30 -4.35
N GLY A 5 18.15 -3.30 -5.62
CA GLY A 5 16.84 -3.56 -6.24
C GLY A 5 16.46 -5.02 -6.10
N HIS A 6 15.18 -5.44 -6.18
CA HIS A 6 14.66 -6.79 -5.96
C HIS A 6 13.59 -7.14 -6.99
N ASN A 7 13.70 -8.30 -7.63
CA ASN A 7 12.61 -8.96 -8.33
C ASN A 7 11.44 -9.03 -7.36
N PRO A 8 10.19 -8.60 -7.58
CA PRO A 8 9.18 -8.78 -6.63
C PRO A 8 8.94 -10.24 -6.23
N THR A 9 9.43 -11.24 -6.95
CA THR A 9 9.25 -12.62 -6.55
C THR A 9 10.10 -12.95 -5.33
N GLU A 10 10.96 -12.02 -4.94
CA GLU A 10 11.76 -12.18 -3.73
C GLU A 10 11.05 -11.71 -2.46
N PHE A 11 9.97 -10.94 -2.60
CA PHE A 11 9.35 -10.43 -1.34
C PHE A 11 8.81 -11.52 -0.42
N PRO A 12 8.29 -12.66 -0.82
CA PRO A 12 7.93 -13.69 0.15
C PRO A 12 9.12 -14.12 1.00
N THR A 13 10.28 -14.31 0.39
CA THR A 13 11.44 -14.66 1.21
C THR A 13 11.81 -13.60 2.23
N ILE A 14 11.83 -12.36 1.76
CA ILE A 14 12.23 -11.21 2.58
C ILE A 14 11.28 -11.02 3.75
N TYR A 15 9.99 -11.20 3.50
CA TYR A 15 9.02 -10.98 4.61
C TYR A 15 8.50 -12.27 5.20
N ASP A 16 9.20 -13.40 5.04
CA ASP A 16 8.95 -14.67 5.71
C ASP A 16 7.62 -15.31 5.36
N ALA A 17 7.28 -15.29 4.07
CA ALA A 17 6.00 -15.75 3.59
C ALA A 17 6.06 -17.00 2.74
N SER A 18 7.29 -17.52 2.51
CA SER A 18 7.39 -18.68 1.61
C SER A 18 6.62 -19.91 2.05
N SER A 19 6.40 -20.10 3.34
CA SER A 19 5.75 -21.28 3.90
C SER A 19 4.24 -21.10 3.96
N ALA A 20 3.76 -19.91 3.62
CA ALA A 20 2.31 -19.74 3.57
C ALA A 20 1.79 -20.11 2.19
N PRO A 21 0.50 -20.42 2.09
CA PRO A 21 -0.13 -20.63 0.79
C PRO A 21 0.03 -19.37 -0.04
N THR A 22 -0.12 -19.53 -1.34
CA THR A 22 -0.18 -18.43 -2.26
C THR A 22 -1.60 -17.83 -2.17
N ALA A 23 -1.79 -16.77 -2.93
CA ALA A 23 -3.13 -16.14 -2.97
C ALA A 23 -4.01 -16.80 -4.03
N ALA A 24 -3.67 -18.03 -4.42
CA ALA A 24 -4.40 -18.71 -5.47
C ALA A 24 -5.92 -18.82 -5.24
N ASN A 25 -6.33 -18.80 -4.00
CA ASN A 25 -7.74 -18.87 -3.59
C ASN A 25 -8.31 -17.50 -3.21
N THR A 26 -7.65 -16.39 -3.51
CA THR A 26 -8.16 -15.05 -3.15
C THR A 26 -8.16 -14.12 -4.34
N THR A 27 -9.28 -13.39 -4.60
CA THR A 27 -9.35 -12.44 -5.69
C THR A 27 -8.90 -11.09 -5.14
N VAL A 28 -8.02 -10.47 -5.91
CA VAL A 28 -7.41 -9.19 -5.57
C VAL A 28 -7.76 -8.11 -6.58
N GLY A 29 -8.05 -6.90 -6.05
CA GLY A 29 -8.32 -5.81 -6.97
C GLY A 29 -7.23 -4.77 -6.91
N ILE A 30 -7.15 -3.98 -7.97
CA ILE A 30 -6.29 -2.84 -8.10
C ILE A 30 -7.10 -1.66 -8.68
N ILE A 31 -7.09 -0.54 -7.98
CA ILE A 31 -7.73 0.66 -8.50
C ILE A 31 -6.77 1.34 -9.45
N THR A 32 -7.24 1.66 -10.66
CA THR A 32 -6.39 2.37 -11.60
C THR A 32 -7.10 3.62 -12.10
N ILE A 33 -6.32 4.49 -12.69
CA ILE A 33 -6.89 5.60 -13.43
C ILE A 33 -6.61 5.41 -14.91
N GLY A 34 -7.69 5.23 -15.68
CA GLY A 34 -7.49 4.89 -17.08
C GLY A 34 -7.20 3.42 -17.29
N GLY A 35 -6.84 3.05 -18.53
CA GLY A 35 -6.72 1.66 -18.94
C GLY A 35 -5.41 1.02 -18.52
N VAL A 36 -5.28 -0.27 -18.82
CA VAL A 36 -4.15 -1.09 -18.41
C VAL A 36 -3.65 -1.97 -19.55
N SER A 37 -3.91 -1.54 -20.78
CA SER A 37 -3.55 -2.40 -21.91
C SER A 37 -2.06 -2.72 -21.92
N GLN A 38 -1.20 -1.73 -21.80
CA GLN A 38 0.23 -2.07 -21.79
C GLN A 38 0.58 -2.84 -20.53
N THR A 39 -0.05 -2.50 -19.41
CA THR A 39 0.17 -3.19 -18.14
C THR A 39 -0.07 -4.68 -18.28
N LEU A 40 -1.11 -5.08 -19.00
CA LEU A 40 -1.36 -6.51 -19.16
C LEU A 40 -0.28 -7.21 -20.00
N GLN A 41 0.33 -6.47 -20.93
CA GLN A 41 1.42 -7.09 -21.72
C GLN A 41 2.64 -7.26 -20.80
N ASP A 42 2.89 -6.23 -20.00
CA ASP A 42 4.01 -6.24 -19.06
C ASP A 42 3.82 -7.33 -18.04
N LEU A 43 2.59 -7.61 -17.63
CA LEU A 43 2.28 -8.69 -16.70
C LEU A 43 2.57 -10.06 -17.28
N GLN A 44 2.23 -10.23 -18.56
CA GLN A 44 2.56 -11.44 -19.30
C GLN A 44 4.07 -11.64 -19.39
N GLN A 45 4.78 -10.54 -19.66
CA GLN A 45 6.25 -10.60 -19.67
C GLN A 45 6.76 -11.00 -18.29
N PHE A 46 6.18 -10.41 -17.24
CA PHE A 46 6.53 -10.75 -15.88
C PHE A 46 6.31 -12.22 -15.57
N THR A 47 5.10 -12.74 -15.81
CA THR A 47 4.87 -14.14 -15.48
C THR A 47 5.70 -15.08 -16.37
N SER A 48 5.83 -14.74 -17.65
CA SER A 48 6.58 -15.67 -18.50
C SER A 48 8.06 -15.67 -18.13
N ALA A 49 8.59 -14.48 -17.85
CA ALA A 49 10.03 -14.40 -17.57
C ALA A 49 10.32 -15.22 -16.33
N ASN A 50 9.43 -15.15 -15.35
CA ASN A 50 9.65 -15.87 -14.10
C ASN A 50 9.16 -17.30 -14.13
N GLY A 51 8.72 -17.80 -15.29
CA GLY A 51 8.34 -19.20 -15.41
C GLY A 51 7.11 -19.59 -14.61
N LEU A 52 6.27 -18.59 -14.38
CA LEU A 52 5.01 -18.82 -13.67
C LEU A 52 3.83 -19.01 -14.60
N ALA A 53 2.84 -19.73 -14.11
CA ALA A 53 1.55 -19.81 -14.82
C ALA A 53 0.98 -18.41 -14.93
N SER A 54 0.29 -18.13 -16.02
CA SER A 54 -0.31 -16.84 -16.31
C SER A 54 -1.36 -16.45 -15.26
N VAL A 55 -1.51 -15.16 -15.06
CA VAL A 55 -2.52 -14.71 -14.09
C VAL A 55 -3.83 -14.40 -14.81
N ASN A 56 -4.94 -14.89 -14.25
CA ASN A 56 -6.28 -14.56 -14.72
C ASN A 56 -6.61 -13.12 -14.37
N THR A 57 -6.80 -12.30 -15.38
CA THR A 57 -7.15 -10.91 -15.13
C THR A 57 -8.55 -10.57 -15.65
N GLN A 58 -9.12 -9.51 -15.08
CA GLN A 58 -10.31 -8.90 -15.67
C GLN A 58 -10.17 -7.38 -15.59
N THR A 59 -10.63 -6.60 -16.57
CA THR A 59 -10.53 -5.15 -16.44
C THR A 59 -11.95 -4.61 -16.35
N ILE A 60 -12.18 -3.62 -15.50
CA ILE A 60 -13.58 -3.22 -15.32
C ILE A 60 -13.75 -1.72 -15.49
N GLN A 61 -14.66 -1.36 -16.40
CA GLN A 61 -14.92 0.05 -16.65
C GLN A 61 -15.87 0.48 -15.53
N THR A 62 -15.41 1.32 -14.60
CA THR A 62 -16.26 1.51 -13.43
C THR A 62 -17.28 2.65 -13.59
N GLY A 63 -17.13 3.47 -14.61
CA GLY A 63 -18.03 4.61 -14.79
C GLY A 63 -18.86 4.49 -16.06
N SER A 64 -19.06 5.60 -16.75
CA SER A 64 -19.80 5.66 -18.00
C SER A 64 -19.20 4.72 -19.03
N SER A 65 -20.06 4.07 -19.80
CA SER A 65 -19.69 3.18 -20.88
C SER A 65 -19.02 3.94 -22.02
N ASN A 66 -19.24 5.25 -22.01
CA ASN A 66 -18.61 6.15 -22.96
C ASN A 66 -17.45 6.92 -22.34
N GLY A 67 -17.05 6.54 -21.12
CA GLY A 67 -15.94 7.25 -20.45
C GLY A 67 -14.61 6.95 -21.14
N ASP A 68 -13.59 7.71 -20.79
CA ASP A 68 -12.24 7.54 -21.29
C ASP A 68 -11.45 6.56 -20.42
N TYR A 69 -11.23 5.37 -20.97
CA TYR A 69 -10.43 4.34 -20.31
C TYR A 69 -9.19 3.99 -21.12
N SER A 70 -8.73 4.96 -21.89
CA SER A 70 -7.46 4.79 -22.58
C SER A 70 -6.33 4.71 -21.56
N ASP A 71 -5.22 4.12 -21.97
CA ASP A 71 -4.03 4.07 -21.16
C ASP A 71 -3.43 5.44 -20.90
N ASP A 72 -3.12 5.73 -19.62
CA ASP A 72 -2.25 6.82 -19.28
C ASP A 72 -0.81 6.29 -19.24
N GLN A 73 0.09 6.88 -20.00
CA GLN A 73 1.41 6.30 -20.18
C GLN A 73 2.11 6.11 -18.84
N GLN A 74 2.22 7.20 -18.09
CA GLN A 74 2.90 7.10 -16.80
C GLN A 74 2.13 6.17 -15.88
N GLY A 75 0.80 6.17 -16.01
CA GLY A 75 0.03 5.30 -15.16
C GLY A 75 0.39 3.84 -15.36
N GLN A 76 0.76 3.47 -16.59
CA GLN A 76 1.12 2.07 -16.82
C GLN A 76 2.22 1.57 -15.88
N GLY A 77 3.16 2.46 -15.59
CA GLY A 77 4.25 2.20 -14.66
C GLY A 77 3.73 1.89 -13.27
N GLU A 78 2.72 2.66 -12.85
CA GLU A 78 2.05 2.36 -11.59
C GLU A 78 1.31 1.04 -11.61
N TRP A 79 0.50 0.74 -12.63
CA TRP A 79 -0.25 -0.51 -12.59
C TRP A 79 0.69 -1.70 -12.79
N ASP A 80 1.81 -1.46 -13.43
CA ASP A 80 2.88 -2.47 -13.53
C ASP A 80 3.47 -2.78 -12.15
N LEU A 81 3.91 -1.74 -11.47
CA LEU A 81 4.40 -1.85 -10.11
C LEU A 81 3.41 -2.62 -9.24
N ASP A 82 2.15 -2.22 -9.29
CA ASP A 82 1.18 -2.81 -8.39
C ASP A 82 0.93 -4.29 -8.65
N SER A 83 0.70 -4.59 -9.93
CA SER A 83 0.32 -5.92 -10.33
C SER A 83 1.50 -6.89 -10.14
N GLN A 84 2.68 -6.45 -10.56
CA GLN A 84 3.82 -7.38 -10.45
C GLN A 84 4.21 -7.56 -8.99
N SER A 85 4.11 -6.47 -8.23
CA SER A 85 4.47 -6.64 -6.82
C SER A 85 3.47 -7.47 -6.07
N ILE A 86 2.17 -7.28 -6.37
CA ILE A 86 1.19 -8.16 -5.75
C ILE A 86 1.41 -9.62 -6.12
N VAL A 87 1.58 -9.92 -7.40
CA VAL A 87 1.70 -11.33 -7.77
C VAL A 87 2.99 -11.91 -7.18
N GLY A 88 4.08 -11.15 -7.20
CA GLY A 88 5.30 -11.60 -6.56
C GLY A 88 5.14 -11.86 -5.08
N SER A 89 4.60 -10.90 -4.35
CA SER A 89 4.43 -11.03 -2.91
C SER A 89 3.49 -12.18 -2.57
N ALA A 90 2.52 -12.44 -3.44
CA ALA A 90 1.54 -13.49 -3.25
C ALA A 90 2.10 -14.89 -3.49
N GLY A 91 3.38 -14.99 -3.90
CA GLY A 91 3.90 -16.34 -4.12
C GLY A 91 3.77 -16.76 -5.57
N GLY A 92 3.41 -15.81 -6.44
CA GLY A 92 3.28 -16.06 -7.87
C GLY A 92 1.92 -16.42 -8.41
N ALA A 93 0.89 -16.35 -7.56
CA ALA A 93 -0.46 -16.76 -7.93
C ALA A 93 -1.51 -16.01 -7.12
N VAL A 94 -2.51 -15.54 -7.85
CA VAL A 94 -3.71 -14.97 -7.24
C VAL A 94 -4.88 -15.59 -7.98
N GLN A 95 -6.03 -15.71 -7.35
CA GLN A 95 -7.15 -16.35 -8.05
C GLN A 95 -7.52 -15.62 -9.33
N GLN A 96 -7.59 -14.32 -9.20
CA GLN A 96 -7.88 -13.40 -10.30
C GLN A 96 -7.42 -12.02 -9.88
N LEU A 97 -6.95 -11.23 -10.82
CA LEU A 97 -6.55 -9.85 -10.62
C LEU A 97 -7.56 -8.98 -11.38
N LEU A 98 -8.26 -8.15 -10.63
CA LEU A 98 -9.27 -7.23 -11.14
C LEU A 98 -8.79 -5.79 -11.15
N PHE A 99 -8.79 -5.20 -12.33
CA PHE A 99 -8.40 -3.82 -12.51
C PHE A 99 -9.69 -2.96 -12.61
N TYR A 100 -9.91 -2.23 -11.52
CA TYR A 100 -11.06 -1.33 -11.40
C TYR A 100 -10.63 0.02 -11.95
N MET A 101 -11.03 0.25 -13.20
CA MET A 101 -10.53 1.41 -13.94
C MET A 101 -11.43 2.64 -13.78
N ALA A 102 -10.85 3.74 -13.30
CA ALA A 102 -11.56 5.01 -13.20
C ALA A 102 -11.68 5.69 -14.56
N ASP A 103 -12.87 6.22 -14.83
CA ASP A 103 -13.06 6.98 -16.08
C ASP A 103 -12.25 8.25 -16.05
N GLN A 104 -11.49 8.58 -17.07
CA GLN A 104 -10.65 9.77 -16.96
C GLN A 104 -11.34 11.06 -17.40
N SER A 105 -12.56 10.94 -17.92
CA SER A 105 -13.26 12.05 -18.51
C SER A 105 -14.33 12.55 -17.57
N ALA A 106 -14.38 11.93 -16.39
CA ALA A 106 -15.42 12.30 -15.45
C ALA A 106 -15.01 13.54 -14.67
N SER A 107 -16.03 14.18 -14.07
CA SER A 107 -15.78 15.46 -13.42
C SER A 107 -15.05 15.25 -12.09
N GLY A 108 -14.24 16.24 -11.72
CA GLY A 108 -13.53 16.28 -10.46
C GLY A 108 -12.87 14.95 -10.16
N ASN A 109 -13.10 14.46 -8.96
CA ASN A 109 -12.58 13.16 -8.54
C ASN A 109 -13.63 12.07 -8.66
N THR A 110 -14.71 12.34 -9.40
CA THR A 110 -15.82 11.39 -9.43
C THR A 110 -15.42 10.09 -10.13
N GLY A 111 -14.48 10.16 -11.08
CA GLY A 111 -14.10 8.87 -11.70
C GLY A 111 -13.47 7.93 -10.68
N LEU A 112 -12.53 8.51 -9.91
CA LEU A 112 -11.86 7.68 -8.91
C LEU A 112 -12.85 7.15 -7.91
N THR A 113 -13.74 8.06 -7.48
CA THR A 113 -14.74 7.69 -6.48
C THR A 113 -15.59 6.55 -7.01
N GLN A 114 -15.94 6.60 -8.29
CA GLN A 114 -16.80 5.52 -8.77
C GLN A 114 -16.00 4.23 -8.90
N ALA A 115 -14.69 4.36 -9.10
CA ALA A 115 -13.87 3.15 -9.11
C ALA A 115 -13.91 2.44 -7.77
N PHE A 116 -13.73 3.18 -6.68
CA PHE A 116 -13.83 2.63 -5.34
C PHE A 116 -15.21 2.02 -5.13
N ASN A 117 -16.21 2.78 -5.62
CA ASN A 117 -17.59 2.36 -5.35
C ASN A 117 -17.87 1.02 -6.01
N GLN A 118 -17.42 0.87 -7.25
CA GLN A 118 -17.64 -0.38 -7.98
C GLN A 118 -17.02 -1.58 -7.29
N ALA A 119 -15.78 -1.39 -6.80
CA ALA A 119 -15.14 -2.50 -6.12
C ALA A 119 -15.88 -2.95 -4.87
N VAL A 120 -16.45 -1.99 -4.13
CA VAL A 120 -17.19 -2.31 -2.91
C VAL A 120 -18.56 -2.92 -3.25
N SER A 121 -19.21 -2.30 -4.24
CA SER A 121 -20.53 -2.81 -4.63
C SER A 121 -20.42 -4.22 -5.17
N ASP A 122 -19.45 -4.48 -6.06
CA ASP A 122 -19.32 -5.85 -6.56
C ASP A 122 -18.96 -6.85 -5.46
N ASN A 123 -18.12 -6.40 -4.54
CA ASN A 123 -17.71 -7.20 -3.39
C ASN A 123 -17.20 -8.58 -3.81
N VAL A 124 -16.35 -8.56 -4.84
CA VAL A 124 -15.69 -9.82 -5.20
C VAL A 124 -14.21 -9.81 -4.82
N ALA A 125 -13.53 -8.69 -4.89
CA ALA A 125 -12.13 -8.69 -4.45
C ALA A 125 -12.07 -8.66 -2.94
N LYS A 126 -11.27 -9.52 -2.33
CA LYS A 126 -11.17 -9.50 -0.89
C LYS A 126 -10.24 -8.40 -0.39
N VAL A 127 -9.26 -8.09 -1.24
CA VAL A 127 -8.21 -7.14 -0.94
C VAL A 127 -8.02 -6.27 -2.18
N ILE A 128 -7.95 -4.98 -1.94
CA ILE A 128 -7.87 -3.98 -3.00
C ILE A 128 -6.74 -2.98 -2.73
N ASN A 129 -5.88 -2.85 -3.74
CA ASN A 129 -4.76 -1.96 -3.71
C ASN A 129 -5.05 -0.57 -4.25
N VAL A 130 -4.58 0.46 -3.53
CA VAL A 130 -4.70 1.85 -3.92
C VAL A 130 -3.36 2.56 -3.75
N SER A 131 -2.58 2.56 -4.83
CA SER A 131 -1.25 3.17 -4.77
C SER A 131 -1.34 4.62 -5.22
N LEU A 132 -2.24 5.36 -4.57
CA LEU A 132 -2.48 6.74 -4.91
C LEU A 132 -3.03 7.54 -3.71
N GLY A 133 -3.02 8.86 -3.92
CA GLY A 133 -3.47 9.78 -2.91
C GLY A 133 -3.05 11.20 -3.18
N TRP A 134 -3.55 12.09 -2.33
CA TRP A 134 -3.21 13.51 -2.35
C TRP A 134 -3.65 14.15 -1.04
N CYS A 135 -3.27 15.41 -0.89
CA CYS A 135 -3.46 16.17 0.34
C CYS A 135 -4.86 15.98 0.91
N GLU A 136 -5.01 15.46 2.12
CA GLU A 136 -6.35 15.21 2.64
C GLU A 136 -7.21 16.48 2.73
N ALA A 137 -6.58 17.64 2.94
CA ALA A 137 -7.33 18.88 3.10
C ALA A 137 -7.98 19.30 1.79
N ASP A 138 -7.34 18.97 0.67
CA ASP A 138 -7.92 19.29 -0.62
C ASP A 138 -9.10 18.38 -0.87
N ALA A 139 -8.86 17.09 -0.53
CA ALA A 139 -9.96 16.16 -0.71
C ALA A 139 -11.11 16.55 0.20
N ASN A 140 -10.78 17.10 1.36
CA ASN A 140 -11.85 17.46 2.28
C ASN A 140 -12.64 18.66 1.74
N ALA A 141 -11.89 19.57 1.13
CA ALA A 141 -12.50 20.84 0.74
C ALA A 141 -13.55 20.68 -0.35
N ASP A 142 -13.41 19.68 -1.21
CA ASP A 142 -14.33 19.59 -2.34
C ASP A 142 -15.33 18.45 -2.17
N GLY A 143 -15.37 17.87 -0.99
CA GLY A 143 -16.35 16.85 -0.68
C GLY A 143 -15.90 15.45 -1.04
N THR A 144 -14.74 15.33 -1.66
CA THR A 144 -14.27 14.00 -2.04
C THR A 144 -14.03 13.08 -0.86
N LEU A 145 -13.47 13.63 0.22
CA LEU A 145 -13.20 12.85 1.42
C LEU A 145 -14.49 12.18 1.91
N GLN A 146 -15.51 13.02 2.13
CA GLN A 146 -16.73 12.49 2.72
C GLN A 146 -17.39 11.44 1.84
N ALA A 147 -17.36 11.71 0.55
CA ALA A 147 -17.96 10.76 -0.40
C ALA A 147 -17.25 9.43 -0.36
N GLU A 148 -15.92 9.52 -0.41
CA GLU A 148 -15.13 8.27 -0.50
C GLU A 148 -15.12 7.53 0.82
N ASP A 149 -15.09 8.25 1.96
CA ASP A 149 -15.11 7.58 3.25
C ASP A 149 -16.33 6.70 3.43
N ARG A 150 -17.48 7.10 2.86
CA ARG A 150 -18.67 6.26 3.02
C ARG A 150 -18.50 4.90 2.31
N ILE A 151 -17.87 4.98 1.16
CA ILE A 151 -17.57 3.77 0.38
C ILE A 151 -16.61 2.92 1.18
N PHE A 152 -15.53 3.49 1.70
CA PHE A 152 -14.61 2.62 2.46
C PHE A 152 -15.22 2.03 3.73
N ALA A 153 -16.09 2.78 4.40
CA ALA A 153 -16.81 2.24 5.57
C ALA A 153 -17.61 1.00 5.19
N THR A 154 -18.30 1.05 4.06
CA THR A 154 -19.05 -0.09 3.55
C THR A 154 -18.10 -1.27 3.33
N ALA A 155 -16.93 -0.96 2.77
CA ALA A 155 -15.94 -2.00 2.50
C ALA A 155 -15.59 -2.75 3.77
N ALA A 156 -15.21 -1.95 4.78
CA ALA A 156 -14.79 -2.58 6.02
C ALA A 156 -15.89 -3.44 6.65
N ALA A 157 -17.13 -2.94 6.55
CA ALA A 157 -18.23 -3.68 7.17
C ALA A 157 -18.43 -5.00 6.42
N GLN A 158 -18.12 -4.97 5.12
CA GLN A 158 -18.22 -6.11 4.23
C GLN A 158 -17.06 -7.09 4.40
N GLY A 159 -16.04 -6.69 5.16
CA GLY A 159 -14.89 -7.59 5.32
C GLY A 159 -13.89 -7.45 4.19
N GLN A 160 -14.00 -6.44 3.34
CA GLN A 160 -12.94 -6.14 2.39
C GLN A 160 -11.83 -5.28 3.02
N THR A 161 -10.60 -5.54 2.59
CA THR A 161 -9.45 -4.73 2.96
C THR A 161 -8.92 -3.89 1.82
N PHE A 162 -9.12 -2.57 1.91
CA PHE A 162 -8.47 -1.61 1.06
C PHE A 162 -7.10 -1.30 1.70
N SER A 163 -6.08 -1.37 0.88
CA SER A 163 -4.70 -1.01 1.21
C SER A 163 -4.33 0.25 0.47
N VAL A 164 -3.91 1.26 1.23
CA VAL A 164 -3.61 2.56 0.64
C VAL A 164 -2.20 3.04 0.99
N SER A 165 -1.43 3.34 -0.05
CA SER A 165 -0.15 4.01 0.11
C SER A 165 -0.25 5.28 0.92
N SER A 166 0.68 5.46 1.86
CA SER A 166 0.60 6.57 2.80
C SER A 166 1.10 7.87 2.20
N GLY A 167 1.84 7.82 1.09
CA GLY A 167 2.38 8.99 0.46
C GLY A 167 3.91 9.01 0.36
N ASP A 168 4.39 9.86 -0.52
CA ASP A 168 5.81 9.89 -0.90
C ASP A 168 6.46 11.24 -0.61
N GLU A 169 5.81 12.04 0.23
CA GLU A 169 6.16 13.45 0.42
C GLU A 169 6.58 13.66 1.87
N GLY A 170 6.80 12.54 2.58
CA GLY A 170 7.06 12.63 4.01
C GLY A 170 5.92 13.38 4.68
N VAL A 171 6.22 14.20 5.65
CA VAL A 171 5.25 15.08 6.31
C VAL A 171 4.75 16.24 5.48
N TYR A 172 5.24 16.49 4.27
CA TYR A 172 4.88 17.69 3.52
C TYR A 172 3.92 17.49 2.35
N GLU A 173 2.94 16.63 2.58
CA GLU A 173 1.98 16.24 1.58
C GLU A 173 1.20 17.42 1.01
N CYS A 174 0.82 18.35 1.90
CA CYS A 174 -0.04 19.43 1.43
C CYS A 174 0.75 20.68 1.03
N ASN A 175 2.06 20.68 1.12
CA ASN A 175 2.89 21.80 0.65
C ASN A 175 3.33 21.55 -0.79
N ASN A 176 2.40 21.78 -1.70
CA ASN A 176 2.61 21.53 -3.12
C ASN A 176 3.18 20.15 -3.39
N ARG A 177 2.63 19.15 -2.73
CA ARG A 177 3.02 17.75 -2.86
C ARG A 177 4.52 17.58 -2.62
N GLY A 178 4.95 17.91 -1.39
CA GLY A 178 6.24 17.53 -0.89
C GLY A 178 7.35 18.55 -0.84
N TYR A 179 7.04 19.84 -0.96
CA TYR A 179 8.11 20.84 -0.78
C TYR A 179 8.31 21.07 0.71
N PRO A 180 9.56 21.04 1.17
CA PRO A 180 9.83 21.21 2.61
C PRO A 180 9.15 22.48 3.16
N ASP A 181 8.65 22.34 4.38
CA ASP A 181 7.79 23.36 4.95
C ASP A 181 8.02 23.43 6.45
N GLY A 182 9.25 23.18 6.88
CA GLY A 182 9.50 23.39 8.31
C GLY A 182 8.72 22.44 9.17
N SER A 183 8.02 22.96 10.18
CA SER A 183 7.28 22.21 11.16
C SER A 183 5.82 22.01 10.76
N THR A 184 5.49 22.41 9.57
CA THR A 184 4.12 22.29 9.06
C THR A 184 3.89 20.93 8.41
N TYR A 185 3.17 20.05 9.10
CA TYR A 185 2.99 18.67 8.68
C TYR A 185 1.55 18.40 8.25
N SER A 186 1.41 17.48 7.32
CA SER A 186 0.13 17.08 6.74
C SER A 186 0.17 15.64 6.27
N VAL A 187 -0.99 15.13 5.88
CA VAL A 187 -1.10 13.74 5.43
C VAL A 187 -2.01 13.58 4.21
N SER A 188 -1.94 12.38 3.62
CA SER A 188 -2.59 11.99 2.40
C SER A 188 -3.94 11.31 2.60
N TRP A 189 -4.85 11.55 1.68
CA TRP A 189 -6.13 10.90 1.47
C TRP A 189 -6.03 10.02 0.24
N PRO A 190 -6.56 8.80 0.22
CA PRO A 190 -7.35 8.20 1.29
C PRO A 190 -6.67 7.42 2.40
N ALA A 191 -5.33 7.53 2.51
CA ALA A 191 -4.68 6.83 3.63
C ALA A 191 -5.17 7.27 4.99
N SER A 192 -5.56 8.53 5.16
CA SER A 192 -6.02 8.94 6.49
C SER A 192 -7.38 8.36 6.85
N SER A 193 -8.09 7.68 5.96
CA SER A 193 -9.33 7.03 6.36
C SER A 193 -9.11 5.95 7.41
N PRO A 194 -9.95 5.88 8.42
CA PRO A 194 -9.92 4.81 9.40
C PRO A 194 -10.48 3.47 8.87
N ASN A 195 -11.09 3.51 7.69
CA ASN A 195 -11.68 2.39 7.00
C ASN A 195 -10.76 1.73 5.97
N VAL A 196 -9.49 2.14 5.90
CA VAL A 196 -8.49 1.49 5.08
C VAL A 196 -7.26 1.14 5.89
N ILE A 197 -6.41 0.25 5.37
CA ILE A 197 -5.08 0.04 5.94
C ILE A 197 -4.10 0.95 5.21
N ALA A 198 -3.47 1.82 5.99
CA ALA A 198 -2.52 2.77 5.43
C ALA A 198 -1.12 2.13 5.50
N VAL A 199 -0.42 2.17 4.40
CA VAL A 199 0.87 1.47 4.31
C VAL A 199 2.01 2.41 3.97
N GLY A 200 2.96 2.51 4.92
CA GLY A 200 4.10 3.38 4.80
C GLY A 200 5.30 2.67 4.16
N GLY A 201 6.43 3.37 4.20
CA GLY A 201 7.60 3.00 3.42
C GLY A 201 8.89 2.88 4.20
N THR A 202 9.63 1.82 3.84
CA THR A 202 10.92 1.55 4.44
C THR A 202 12.06 1.54 3.42
N THR A 203 13.27 1.63 3.94
CA THR A 203 14.53 1.29 3.30
C THR A 203 14.92 -0.14 3.69
N LEU A 204 14.91 -1.03 2.73
CA LEU A 204 15.07 -2.46 2.95
C LEU A 204 16.50 -2.94 2.67
N TYR A 205 17.10 -3.52 3.69
CA TYR A 205 18.43 -4.12 3.61
C TYR A 205 18.34 -5.63 3.67
N THR A 206 19.06 -6.29 2.75
CA THR A 206 19.07 -7.73 2.70
C THR A 206 20.50 -8.28 2.74
N THR A 207 20.63 -9.51 3.21
CA THR A 207 21.93 -10.19 3.25
C THR A 207 22.34 -10.62 1.86
N SER A 208 23.64 -10.94 1.74
CA SER A 208 24.17 -11.42 0.47
C SER A 208 23.40 -12.64 -0.01
N ALA A 209 22.90 -13.43 0.96
CA ALA A 209 22.10 -14.59 0.60
C ALA A 209 20.64 -14.25 0.33
N GLY A 210 20.27 -12.98 0.37
CA GLY A 210 18.92 -12.52 0.07
C GLY A 210 17.93 -12.60 1.19
N ALA A 211 18.40 -12.87 2.40
CA ALA A 211 17.49 -12.87 3.54
C ALA A 211 17.28 -11.46 4.08
N TYR A 212 16.20 -11.28 4.85
CA TYR A 212 15.96 -10.03 5.56
C TYR A 212 17.15 -9.66 6.45
N SER A 213 17.59 -8.42 6.33
CA SER A 213 18.61 -7.91 7.23
C SER A 213 18.05 -6.84 8.16
N ASN A 214 17.60 -5.74 7.54
CA ASN A 214 16.93 -4.74 8.38
C ASN A 214 16.22 -3.69 7.53
N GLU A 215 15.46 -2.83 8.20
CA GLU A 215 14.67 -1.78 7.58
C GLU A 215 14.79 -0.48 8.37
N THR A 216 15.02 0.60 7.64
CA THR A 216 14.98 1.92 8.21
C THR A 216 13.83 2.72 7.57
N VAL A 217 13.64 3.95 8.02
CA VAL A 217 12.59 4.77 7.41
C VAL A 217 12.96 5.00 5.96
N TRP A 218 11.97 4.99 5.07
CA TRP A 218 12.19 5.49 3.74
C TRP A 218 12.26 7.02 3.78
N ASN A 219 13.46 7.55 3.52
CA ASN A 219 13.68 8.96 3.32
C ASN A 219 14.85 9.15 2.36
N GLU A 220 14.59 9.45 1.10
CA GLU A 220 15.70 9.58 0.15
C GLU A 220 16.03 11.03 -0.14
N GLY A 221 15.55 11.93 0.73
CA GLY A 221 15.87 13.35 0.60
C GLY A 221 15.20 14.02 -0.60
N LEU A 222 15.81 15.12 -1.04
CA LEU A 222 15.21 15.94 -2.07
C LEU A 222 15.64 15.56 -3.48
N ASP A 223 14.72 15.67 -4.43
CA ASP A 223 15.11 15.49 -5.82
C ASP A 223 15.66 16.78 -6.40
N SER A 224 15.92 16.80 -7.70
CA SER A 224 16.48 17.97 -8.35
C SER A 224 15.50 19.14 -8.39
N ASN A 225 14.21 18.88 -8.20
CA ASN A 225 13.24 19.96 -8.11
C ASN A 225 13.06 20.51 -6.69
N GLY A 226 13.67 19.84 -5.72
CA GLY A 226 13.60 20.28 -4.34
C GLY A 226 12.47 19.59 -3.58
N LYS A 227 11.90 18.54 -4.16
CA LYS A 227 10.78 17.86 -3.52
C LYS A 227 11.30 16.70 -2.67
N LEU A 228 10.72 16.53 -1.49
CA LEU A 228 11.05 15.42 -0.61
C LEU A 228 10.44 14.10 -1.07
N TRP A 229 11.26 13.07 -1.01
CA TRP A 229 10.88 11.68 -1.24
C TRP A 229 11.05 10.89 0.04
N ALA A 230 9.92 10.64 0.70
CA ALA A 230 9.93 9.99 2.01
C ALA A 230 8.55 9.46 2.36
N THR A 231 8.52 8.58 3.32
CA THR A 231 7.27 7.91 3.69
C THR A 231 6.28 8.87 4.36
N GLY A 232 5.05 8.87 3.82
CA GLY A 232 4.01 9.68 4.49
C GLY A 232 3.64 9.08 5.84
N GLY A 233 3.41 9.97 6.81
CA GLY A 233 2.99 9.56 8.14
C GLY A 233 2.69 10.78 9.01
N GLY A 234 1.81 10.59 9.99
CA GLY A 234 1.38 11.62 10.91
C GLY A 234 -0.03 11.27 11.38
N TYR A 235 -0.91 12.27 11.39
CA TYR A 235 -2.27 12.01 11.85
C TYR A 235 -3.22 12.86 11.00
N SER A 236 -4.46 12.39 10.86
CA SER A 236 -5.43 13.18 10.13
C SER A 236 -5.83 14.43 10.92
N VAL A 237 -6.04 15.54 10.24
CA VAL A 237 -6.64 16.67 10.97
C VAL A 237 -8.16 16.54 11.05
N TYR A 238 -8.79 15.66 10.29
CA TYR A 238 -10.24 15.54 10.22
C TYR A 238 -10.78 14.26 10.85
N GLU A 239 -10.17 13.12 10.56
CA GLU A 239 -10.66 11.85 11.07
C GLU A 239 -10.29 11.62 12.53
N SER A 240 -11.31 11.20 13.28
CA SER A 240 -11.14 10.82 14.68
C SER A 240 -10.32 9.54 14.80
N LYS A 241 -9.73 9.35 15.98
CA LYS A 241 -9.02 8.12 16.27
C LYS A 241 -9.96 6.93 16.47
N PRO A 242 -9.81 5.89 15.68
CA PRO A 242 -10.56 4.66 15.91
C PRO A 242 -10.01 4.00 17.18
N SER A 243 -10.88 3.31 17.92
CA SER A 243 -10.59 3.00 19.31
C SER A 243 -9.37 2.08 19.44
N TRP A 244 -9.13 1.21 18.47
CA TRP A 244 -8.03 0.28 18.51
C TRP A 244 -6.67 0.98 18.53
N GLN A 245 -6.62 2.21 18.03
CA GLN A 245 -5.37 2.99 18.02
C GLN A 245 -5.05 3.55 19.40
N SER A 246 -5.95 3.35 20.37
CA SER A 246 -5.68 3.87 21.71
C SER A 246 -4.44 3.25 22.35
N VAL A 247 -3.99 2.13 21.83
CA VAL A 247 -2.81 1.46 22.36
C VAL A 247 -1.54 2.29 22.13
N VAL A 248 -1.60 3.21 21.20
CA VAL A 248 -0.50 4.15 20.96
C VAL A 248 -0.75 5.39 21.83
N SER A 249 -0.25 5.34 23.06
CA SER A 249 -0.56 6.41 24.03
C SER A 249 0.21 7.67 23.70
N GLY A 250 -0.35 8.80 24.11
CA GLY A 250 0.29 10.09 23.93
C GLY A 250 0.19 10.71 22.57
N THR A 251 -0.84 10.34 21.81
CA THR A 251 -1.08 10.88 20.49
C THR A 251 -2.45 11.55 20.48
N PRO A 252 -2.73 12.41 19.52
CA PRO A 252 -4.03 13.11 19.54
C PRO A 252 -5.19 12.18 19.21
N GLY A 253 -6.40 12.71 19.37
CA GLY A 253 -7.63 11.96 19.12
C GLY A 253 -8.00 11.94 17.66
N ARG A 254 -7.02 11.60 16.83
CA ARG A 254 -7.12 11.59 15.38
C ARG A 254 -6.61 10.26 14.81
N ARG A 255 -7.00 9.94 13.59
CA ARG A 255 -6.51 8.75 12.91
C ARG A 255 -5.02 8.90 12.66
N LEU A 256 -4.24 8.03 13.31
CA LEU A 256 -2.79 8.04 13.10
C LEU A 256 -2.41 7.16 11.92
N LEU A 257 -1.39 7.52 11.15
CA LEU A 257 -1.04 6.66 10.03
C LEU A 257 0.46 6.74 9.80
N PRO A 258 1.10 5.79 9.14
CA PRO A 258 0.48 4.57 8.60
C PRO A 258 0.24 3.53 9.66
N ASP A 259 -0.40 2.43 9.29
CA ASP A 259 -0.62 1.31 10.18
C ASP A 259 0.59 0.37 10.20
N ILE A 260 1.07 0.06 9.02
CA ILE A 260 2.21 -0.81 8.78
C ILE A 260 3.00 -0.26 7.59
N SER A 261 4.19 -0.80 7.36
CA SER A 261 5.03 -0.34 6.27
C SER A 261 5.81 -1.51 5.64
N PHE A 262 6.17 -1.31 4.39
CA PHE A 262 7.01 -2.26 3.67
C PHE A 262 7.95 -1.46 2.77
N ASP A 263 8.82 -2.15 2.05
CA ASP A 263 9.80 -1.58 1.15
C ASP A 263 9.22 -0.49 0.25
N ALA A 264 9.88 0.65 0.25
CA ALA A 264 9.55 1.82 -0.55
C ALA A 264 10.73 2.58 -1.12
N ALA A 265 11.96 2.45 -0.62
CA ALA A 265 13.03 3.25 -1.19
C ALA A 265 13.31 2.84 -2.64
N GLN A 266 13.49 3.83 -3.51
CA GLN A 266 13.83 3.47 -4.88
C GLN A 266 15.13 2.67 -4.86
N GLY A 267 16.07 3.12 -4.05
CA GLY A 267 17.37 2.45 -3.98
C GLY A 267 17.31 1.02 -3.52
N THR A 268 16.19 0.59 -2.95
CA THR A 268 15.98 -0.79 -2.55
C THR A 268 14.67 -1.35 -3.10
N GLY A 269 14.20 -0.73 -4.17
CA GLY A 269 12.92 -0.94 -4.78
C GLY A 269 12.80 -2.21 -5.59
N ALA A 270 11.69 -2.33 -6.29
CA ALA A 270 11.34 -3.46 -7.11
C ALA A 270 11.79 -3.30 -8.56
N LEU A 271 12.18 -4.42 -9.17
CA LEU A 271 12.53 -4.39 -10.60
C LEU A 271 11.30 -4.79 -11.41
N ILE A 272 10.79 -3.83 -12.16
CA ILE A 272 9.47 -3.90 -12.76
C ILE A 272 9.51 -3.76 -14.27
N TYR A 273 8.79 -4.62 -14.96
CA TYR A 273 8.68 -4.50 -16.41
C TYR A 273 7.64 -3.41 -16.74
N ASN A 274 8.10 -2.43 -17.48
CA ASN A 274 7.34 -1.24 -17.85
C ASN A 274 7.59 -0.92 -19.31
N TYR A 275 6.55 -1.05 -20.11
CA TYR A 275 6.64 -0.94 -21.56
C TYR A 275 7.79 -1.84 -22.04
N GLY A 276 7.87 -3.02 -21.44
CA GLY A 276 8.82 -4.03 -21.84
C GLY A 276 10.21 -3.91 -21.28
N GLN A 277 10.53 -2.81 -20.60
CA GLN A 277 11.88 -2.60 -20.06
C GLN A 277 11.88 -2.64 -18.54
N LEU A 278 12.91 -3.26 -17.97
CA LEU A 278 12.98 -3.33 -16.52
C LEU A 278 13.45 -2.00 -15.94
N GLN A 279 12.76 -1.59 -14.89
CA GLN A 279 13.04 -0.36 -14.16
C GLN A 279 12.97 -0.64 -12.66
N GLN A 280 13.78 0.10 -11.93
CA GLN A 280 13.80 -0.04 -10.48
C GLN A 280 12.94 1.06 -9.86
N ILE A 281 11.86 0.62 -9.23
CA ILE A 281 10.82 1.54 -8.80
C ILE A 281 10.55 1.39 -7.31
N GLY A 282 10.33 2.52 -6.64
CA GLY A 282 9.98 2.51 -5.23
C GLY A 282 8.72 3.33 -4.94
N GLY A 283 8.66 3.90 -3.75
CA GLY A 283 7.53 4.69 -3.28
C GLY A 283 6.65 3.91 -2.36
N THR A 284 5.76 4.56 -1.59
CA THR A 284 4.76 3.76 -0.91
C THR A 284 3.80 3.09 -1.89
N SER A 285 3.83 3.47 -3.17
CA SER A 285 3.14 2.78 -4.24
C SER A 285 3.65 1.33 -4.36
N LEU A 286 4.86 1.10 -3.91
CA LEU A 286 5.41 -0.25 -3.84
C LEU A 286 4.99 -0.96 -2.57
N ALA A 287 5.11 -0.22 -1.46
CA ALA A 287 4.84 -0.81 -0.16
C ALA A 287 3.44 -1.40 -0.06
N SER A 288 2.47 -0.66 -0.61
CA SER A 288 1.08 -1.13 -0.50
C SER A 288 0.82 -2.42 -1.24
N PRO A 289 1.18 -2.56 -2.51
CA PRO A 289 1.01 -3.86 -3.18
C PRO A 289 1.78 -5.01 -2.54
N ILE A 290 2.90 -4.72 -1.90
CA ILE A 290 3.52 -5.84 -1.18
C ILE A 290 2.61 -6.35 -0.07
N PHE A 291 2.09 -5.41 0.72
CA PHE A 291 1.13 -5.79 1.73
C PHE A 291 -0.07 -6.53 1.14
N VAL A 292 -0.58 -6.02 0.02
CA VAL A 292 -1.76 -6.65 -0.57
C VAL A 292 -1.49 -8.11 -0.92
N GLY A 293 -0.36 -8.34 -1.56
CA GLY A 293 -0.04 -9.72 -1.94
C GLY A 293 0.14 -10.62 -0.75
N LEU A 294 0.84 -10.13 0.28
CA LEU A 294 1.05 -10.94 1.47
C LEU A 294 -0.23 -11.21 2.24
N TRP A 295 -1.07 -10.19 2.36
CA TRP A 295 -2.34 -10.33 3.09
C TRP A 295 -3.25 -11.26 2.31
N ALA A 296 -3.21 -11.23 0.99
CA ALA A 296 -4.04 -12.16 0.20
C ALA A 296 -3.60 -13.58 0.44
N ARG A 297 -2.32 -13.86 0.72
CA ARG A 297 -1.94 -15.21 1.11
C ARG A 297 -2.58 -15.64 2.42
N LEU A 298 -2.58 -14.76 3.41
CA LEU A 298 -3.19 -15.10 4.71
C LEU A 298 -4.70 -15.30 4.50
N GLN A 299 -5.32 -14.53 3.59
CA GLN A 299 -6.75 -14.76 3.32
C GLN A 299 -6.94 -16.17 2.78
N SER A 300 -6.15 -16.50 1.75
CA SER A 300 -6.26 -17.84 1.17
C SER A 300 -6.01 -18.91 2.20
N ALA A 301 -5.14 -18.61 3.16
CA ALA A 301 -4.85 -19.58 4.20
C ALA A 301 -6.02 -19.68 5.18
N ASN A 302 -6.92 -18.72 5.09
CA ASN A 302 -7.98 -18.67 6.11
C ASN A 302 -9.36 -18.59 5.49
N SER A 303 -9.45 -19.20 4.32
CA SER A 303 -10.70 -19.32 3.58
C SER A 303 -11.35 -17.97 3.34
N ASN A 304 -10.52 -16.95 3.17
CA ASN A 304 -10.98 -15.59 2.91
C ASN A 304 -11.95 -15.12 4.00
N SER A 305 -11.78 -15.63 5.21
CA SER A 305 -12.68 -15.28 6.32
C SER A 305 -12.16 -14.19 7.22
N LEU A 306 -11.00 -13.60 6.95
CA LEU A 306 -10.48 -12.53 7.80
C LEU A 306 -11.15 -11.23 7.45
N GLY A 307 -11.70 -10.60 8.49
CA GLY A 307 -12.35 -9.33 8.25
C GLY A 307 -11.35 -8.20 8.16
N PHE A 308 -11.84 -6.97 8.08
CA PHE A 308 -11.01 -5.78 8.05
C PHE A 308 -10.07 -5.82 9.26
N PRO A 309 -8.76 -5.89 9.02
CA PRO A 309 -7.85 -6.23 10.11
C PRO A 309 -7.26 -5.14 10.99
N ALA A 310 -7.65 -3.89 10.91
CA ALA A 310 -7.01 -2.82 11.65
C ALA A 310 -7.01 -3.09 13.14
N ALA A 311 -8.18 -3.42 13.70
CA ALA A 311 -8.26 -3.58 15.14
C ALA A 311 -7.35 -4.71 15.60
N SER A 312 -7.41 -5.78 14.82
CA SER A 312 -6.60 -6.97 15.14
C SER A 312 -5.12 -6.62 15.03
N PHE A 313 -4.73 -5.85 14.02
CA PHE A 313 -3.30 -5.50 13.92
C PHE A 313 -2.87 -4.79 15.18
N TYR A 314 -3.62 -3.80 15.64
CA TYR A 314 -3.21 -2.99 16.78
C TYR A 314 -3.19 -3.79 18.07
N SER A 315 -4.21 -4.62 18.34
CA SER A 315 -4.22 -5.44 19.53
C SER A 315 -3.08 -6.46 19.51
N ALA A 316 -2.95 -7.09 18.34
CA ALA A 316 -2.02 -8.22 18.26
C ALA A 316 -0.58 -7.74 18.32
N ILE A 317 -0.28 -6.73 17.52
CA ILE A 317 1.11 -6.29 17.42
C ILE A 317 1.53 -5.60 18.70
N SER A 318 0.68 -4.75 19.27
CA SER A 318 1.05 -4.09 20.52
C SER A 318 1.32 -5.13 21.59
N SER A 319 0.61 -6.25 21.58
CA SER A 319 0.88 -7.23 22.64
C SER A 319 1.92 -8.28 22.20
N THR A 320 2.31 -8.29 20.93
CA THR A 320 3.14 -9.33 20.35
C THR A 320 4.16 -8.79 19.34
N PRO A 321 5.18 -8.11 19.85
CA PRO A 321 6.18 -7.44 19.02
C PRO A 321 6.86 -8.40 18.05
N SER A 322 6.86 -9.69 18.32
CA SER A 322 7.56 -10.58 17.37
C SER A 322 6.85 -10.69 16.03
N LEU A 323 5.62 -10.20 15.93
CA LEU A 323 4.89 -10.23 14.67
C LEU A 323 5.41 -9.26 13.63
N VAL A 324 6.24 -8.31 14.05
CA VAL A 324 6.70 -7.28 13.13
C VAL A 324 8.22 -7.09 13.18
N HIS A 325 8.72 -6.52 12.09
CA HIS A 325 10.03 -5.91 12.07
C HIS A 325 9.79 -4.43 12.45
N ASP A 326 10.15 -4.08 13.68
CA ASP A 326 9.98 -2.72 14.19
C ASP A 326 11.03 -1.75 13.69
N VAL A 327 10.65 -0.81 12.84
CA VAL A 327 11.61 0.17 12.32
C VAL A 327 11.95 1.14 13.42
N LYS A 328 13.23 1.41 13.64
CA LYS A 328 13.61 2.29 14.73
C LYS A 328 14.44 3.50 14.32
N SER A 329 14.98 3.50 13.10
CA SER A 329 15.88 4.52 12.63
C SER A 329 15.40 5.28 11.40
N GLY A 330 15.45 6.60 11.50
CA GLY A 330 15.18 7.54 10.46
C GLY A 330 14.06 8.49 10.78
N ASN A 331 13.74 9.36 9.84
CA ASN A 331 12.67 10.34 9.99
C ASN A 331 12.02 10.60 8.65
N ASN A 332 10.81 11.15 8.67
CA ASN A 332 10.11 11.40 7.40
C ASN A 332 9.94 12.87 7.08
N GLY A 333 10.92 13.69 7.47
CA GLY A 333 10.92 15.09 7.06
C GLY A 333 12.25 15.51 6.47
N TYR A 334 12.62 16.76 6.74
CA TYR A 334 13.83 17.34 6.15
C TYR A 334 14.33 18.48 7.03
N GLY A 335 15.64 18.69 6.96
CA GLY A 335 16.27 19.81 7.65
C GLY A 335 16.11 19.78 9.16
N GLY A 336 15.89 18.59 9.70
CA GLY A 336 15.72 18.36 11.12
C GLY A 336 14.26 18.42 11.55
N TYR A 337 13.38 18.64 10.60
CA TYR A 337 11.94 18.61 10.89
C TYR A 337 11.38 17.23 10.61
N GLY A 338 10.13 17.00 10.99
CA GLY A 338 9.51 15.71 10.70
C GLY A 338 9.49 14.79 11.91
N TYR A 339 8.81 13.65 11.78
CA TYR A 339 8.69 12.65 12.82
C TYR A 339 9.85 11.64 12.76
N ASN A 340 10.20 11.14 13.93
CA ASN A 340 11.27 10.15 14.05
C ASN A 340 10.72 8.77 14.32
N ALA A 341 11.38 7.78 13.72
CA ALA A 341 11.12 6.40 14.07
C ALA A 341 11.57 6.14 15.51
N GLY A 342 11.04 5.09 16.09
CA GLY A 342 11.40 4.67 17.43
C GLY A 342 10.88 3.29 17.76
N THR A 343 11.07 2.90 19.02
CA THR A 343 10.55 1.63 19.47
C THR A 343 9.04 1.64 19.37
N GLY A 344 8.46 0.59 18.81
CA GLY A 344 7.01 0.46 18.73
C GLY A 344 6.44 1.27 17.58
N TRP A 345 5.15 1.62 17.70
CA TRP A 345 4.48 2.35 16.63
C TRP A 345 5.13 3.71 16.52
N ASP A 346 5.41 4.19 15.32
CA ASP A 346 5.86 5.55 15.12
C ASP A 346 5.19 6.17 13.89
N TYR A 347 5.28 7.48 13.78
CA TYR A 347 4.59 8.16 12.69
C TYR A 347 5.18 7.83 11.33
N PRO A 348 6.48 7.72 11.12
CA PRO A 348 6.93 7.38 9.77
C PRO A 348 6.47 6.02 9.27
N THR A 349 6.42 5.00 10.12
CA THR A 349 6.27 3.64 9.61
C THR A 349 5.23 2.78 10.29
N GLY A 350 4.53 3.37 11.26
CA GLY A 350 3.54 2.61 12.00
C GLY A 350 4.17 1.47 12.80
N TRP A 351 3.61 0.27 12.69
CA TRP A 351 4.14 -0.88 13.41
C TRP A 351 5.39 -1.47 12.75
N GLY A 352 5.70 -0.98 11.56
CA GLY A 352 6.78 -1.52 10.73
C GLY A 352 6.25 -2.60 9.81
N SER A 353 7.06 -3.56 9.38
CA SER A 353 6.58 -4.56 8.42
C SER A 353 6.22 -5.86 9.11
N LEU A 354 5.39 -6.66 8.44
CA LEU A 354 4.87 -7.89 8.98
C LEU A 354 5.84 -9.05 8.71
N ASP A 355 6.06 -9.88 9.71
CA ASP A 355 6.70 -11.19 9.53
C ASP A 355 5.59 -12.19 9.27
N ILE A 356 5.44 -12.65 8.02
CA ILE A 356 4.16 -13.27 7.68
C ILE A 356 3.96 -14.60 8.36
N ALA A 357 5.00 -15.43 8.45
CA ALA A 357 4.78 -16.74 9.03
C ALA A 357 4.46 -16.58 10.52
N LYS A 358 5.06 -15.57 11.14
CA LYS A 358 4.73 -15.44 12.57
C LYS A 358 3.28 -14.98 12.75
N LEU A 359 2.87 -14.06 11.89
CA LEU A 359 1.47 -13.62 11.92
C LEU A 359 0.54 -14.78 11.62
N SER A 360 0.89 -15.62 10.62
CA SER A 360 0.02 -16.74 10.28
C SER A 360 -0.16 -17.67 11.47
N ALA A 361 0.93 -17.91 12.20
CA ALA A 361 0.91 -18.75 13.38
C ALA A 361 -0.01 -18.15 14.44
N TYR A 362 0.15 -16.83 14.59
CA TYR A 362 -0.71 -16.12 15.55
C TYR A 362 -2.17 -16.30 15.17
N ILE A 363 -2.47 -16.13 13.89
CA ILE A 363 -3.88 -16.24 13.46
C ILE A 363 -4.39 -17.65 13.68
N ARG A 364 -3.51 -18.63 13.47
CA ARG A 364 -3.99 -20.00 13.63
C ARG A 364 -4.38 -20.25 15.09
N SER A 365 -3.61 -19.65 15.97
CA SER A 365 -3.88 -19.85 17.39
C SER A 365 -5.02 -18.97 17.89
N ASN A 366 -5.09 -17.73 17.40
CA ASN A 366 -5.96 -16.75 18.03
C ASN A 366 -7.09 -16.23 17.16
N GLY A 367 -7.06 -16.52 15.88
CA GLY A 367 -7.89 -15.86 14.90
C GLY A 367 -7.50 -14.40 14.71
N PHE A 368 -8.23 -13.70 13.86
CA PHE A 368 -7.95 -12.31 13.54
C PHE A 368 -9.20 -11.55 13.09
N TYR B 2 -0.27 9.55 -8.28
CA TYR B 2 0.39 8.26 -8.13
C TYR B 2 1.44 8.27 -7.02
#